data_5HMR
#
_entry.id   5HMR
#
_cell.length_a   79.720
_cell.length_b   79.720
_cell.length_c   203.690
_cell.angle_alpha   90.00
_cell.angle_beta   90.00
_cell.angle_gamma   90.00
#
_symmetry.space_group_name_H-M   'P 43 21 2'
#
loop_
_entity.id
_entity.type
_entity.pdbx_description
1 polymer 'Cytokinin dehydrogenase 4'
2 non-polymer 'FLAVIN-ADENINE DINUCLEOTIDE'
3 non-polymer 1-(1,2,3-thiadiazol-5-yl)-3-[3-(trifluoromethoxy)phenyl]urea
4 water water
#
_entity_poly.entity_id   1
_entity_poly.type   'polypeptide(L)'
_entity_poly.pdbx_seq_one_letter_code
;AGHMLPVEPPAELLQLGGGDVGGGRLSVDASDIAEASRDFGGVARAEPMAVFHPRAAGDVAGLVGAAFRSARGFRVSARG
HGHSISGQAQAAGGVVVDMSRGRGPGAAVARALPVHSAALGGHYVDVWGGELWVDVLNWTLSHGGLAPRSWTDYLYLSVG
GTLSNAGISGQAFHHGPQISNVYELDVVTGKGEVVTCSETENPDLFFGVLGGLGQFGIITRARIALERAPKRVRWIRALY
SNFSEFTADQERLISLGSGGGRRFDYVEGFVVAAEGLINNWRSSFFSPQNPVKLTSLKHHSSVLYCLEVTKNYDDETAGS
VDQDVDTLLGELNFLPGTVFTTDLPYVDFLDRVHKAELKLRAKGMWEVPHPWLNLFVPASRIADFDRGVFRGVLGGRTAG
AGGPVLIYPMNKHKWDPRSSAVTPDEEVFYLVAFLRSALPGAPESLEALARQNQRILDFCAGTGIGAKQYLPGHKARHEW
AEHFGAARWDRFARLKAEFDPRAILAAGQGIFRPPGSPALAADS
;
_entity_poly.pdbx_strand_id   A
#
# COMPACT_ATOMS: atom_id res chain seq x y z
N GLY A 23 -10.33 -24.55 15.55
CA GLY A 23 -8.92 -24.83 15.37
C GLY A 23 -7.97 -23.73 15.84
N GLY A 24 -8.53 -22.53 16.06
CA GLY A 24 -7.81 -21.34 16.49
C GLY A 24 -7.47 -21.28 17.97
N ARG A 25 -6.55 -20.37 18.33
CA ARG A 25 -6.06 -20.20 19.69
C ARG A 25 -6.12 -18.74 20.18
N LEU A 26 -6.82 -18.50 21.32
CA LEU A 26 -6.87 -17.19 21.96
C LEU A 26 -5.65 -17.06 22.86
N SER A 27 -5.00 -15.89 22.82
CA SER A 27 -3.81 -15.64 23.60
C SER A 27 -3.90 -14.33 24.41
N VAL A 28 -3.44 -14.40 25.67
CA VAL A 28 -3.36 -13.25 26.59
C VAL A 28 -1.89 -13.01 27.00
N ASP A 29 -0.95 -13.61 26.22
CA ASP A 29 0.51 -13.46 26.40
C ASP A 29 0.82 -11.95 26.27
N ALA A 30 1.52 -11.36 27.29
CA ALA A 30 1.86 -9.93 27.31
C ALA A 30 2.57 -9.44 26.06
N SER A 31 3.50 -10.24 25.48
CA SER A 31 4.19 -9.89 24.23
C SER A 31 3.24 -9.87 23.04
N ASP A 32 2.24 -10.78 23.03
CA ASP A 32 1.23 -10.86 21.96
C ASP A 32 0.33 -9.61 22.04
N ILE A 33 -0.12 -9.26 23.27
CA ILE A 33 -0.95 -8.08 23.53
C ILE A 33 -0.17 -6.81 23.15
N ALA A 34 1.11 -6.69 23.59
CA ALA A 34 1.94 -5.51 23.30
C ALA A 34 2.11 -5.26 21.79
N GLU A 35 2.42 -6.32 21.02
CA GLU A 35 2.58 -6.22 19.55
C GLU A 35 1.26 -5.81 18.83
N ALA A 36 0.12 -6.37 19.30
CA ALA A 36 -1.21 -6.07 18.76
C ALA A 36 -1.69 -4.66 19.15
N SER A 37 -1.04 -4.04 20.16
CA SER A 37 -1.34 -2.72 20.69
C SER A 37 -0.44 -1.63 20.08
N ARG A 38 0.43 -2.01 19.15
CA ARG A 38 1.31 -1.04 18.52
C ARG A 38 1.35 -1.21 17.00
N ASP A 39 1.90 -0.22 16.30
CA ASP A 39 2.12 -0.30 14.85
C ASP A 39 3.37 0.50 14.48
N PHE A 40 3.73 0.51 13.20
CA PHE A 40 4.89 1.23 12.66
C PHE A 40 4.84 2.75 12.94
N GLY A 41 3.65 3.33 13.01
CA GLY A 41 3.45 4.74 13.37
C GLY A 41 4.04 5.09 14.73
N GLY A 42 3.91 4.17 15.70
CA GLY A 42 4.45 4.33 17.05
C GLY A 42 3.72 5.29 17.97
N VAL A 43 2.47 5.67 17.62
CA VAL A 43 1.68 6.63 18.40
C VAL A 43 0.46 5.98 19.03
N ALA A 44 -0.47 5.46 18.20
CA ALA A 44 -1.70 4.78 18.62
C ALA A 44 -1.34 3.51 19.39
N ARG A 45 -1.92 3.36 20.60
CA ARG A 45 -1.63 2.23 21.49
C ARG A 45 -2.88 1.60 22.13
N ALA A 46 -4.00 1.44 21.38
CA ALA A 46 -5.23 0.82 21.90
C ALA A 46 -5.03 -0.69 22.08
N GLU A 47 -5.18 -1.18 23.32
CA GLU A 47 -4.99 -2.58 23.69
C GLU A 47 -6.22 -3.47 23.50
N PRO A 48 -6.06 -4.69 22.90
CA PRO A 48 -7.18 -5.63 22.83
C PRO A 48 -7.26 -6.44 24.14
N MET A 49 -8.32 -7.24 24.32
CA MET A 49 -8.44 -8.12 25.48
C MET A 49 -7.65 -9.42 25.22
N ALA A 50 -7.54 -9.82 23.94
CA ALA A 50 -6.86 -11.04 23.51
C ALA A 50 -6.40 -10.97 22.04
N VAL A 51 -5.46 -11.86 21.68
CA VAL A 51 -4.98 -12.01 20.30
C VAL A 51 -5.43 -13.38 19.83
N PHE A 52 -6.03 -13.45 18.63
CA PHE A 52 -6.48 -14.74 18.08
C PHE A 52 -5.51 -15.20 17.00
N HIS A 53 -5.05 -16.46 17.11
CA HIS A 53 -4.12 -17.09 16.17
C HIS A 53 -4.89 -18.15 15.36
N PRO A 54 -5.38 -17.82 14.14
CA PRO A 54 -6.14 -18.82 13.38
C PRO A 54 -5.26 -19.85 12.68
N ARG A 55 -5.83 -21.02 12.41
CA ARG A 55 -5.15 -22.07 11.66
C ARG A 55 -5.67 -22.01 10.21
N ALA A 56 -6.94 -21.60 10.04
CA ALA A 56 -7.64 -21.53 8.75
C ALA A 56 -8.76 -20.49 8.77
N ALA A 57 -9.43 -20.27 7.62
CA ALA A 57 -10.53 -19.32 7.43
C ALA A 57 -11.72 -19.54 8.36
N GLY A 58 -12.07 -20.81 8.63
CA GLY A 58 -13.19 -21.18 9.50
C GLY A 58 -13.03 -20.67 10.92
N ASP A 59 -11.77 -20.61 11.41
CA ASP A 59 -11.41 -20.10 12.75
C ASP A 59 -11.72 -18.61 12.81
N VAL A 60 -11.34 -17.86 11.74
CA VAL A 60 -11.59 -16.43 11.60
C VAL A 60 -13.12 -16.22 11.59
N ALA A 61 -13.86 -17.05 10.81
CA ALA A 61 -15.34 -17.00 10.77
C ALA A 61 -15.98 -17.20 12.15
N GLY A 62 -15.49 -18.20 12.89
CA GLY A 62 -15.94 -18.52 14.24
C GLY A 62 -15.82 -17.34 15.20
N LEU A 63 -14.63 -16.69 15.23
CA LEU A 63 -14.39 -15.52 16.08
C LEU A 63 -15.28 -14.31 15.73
N VAL A 64 -15.38 -13.96 14.42
CA VAL A 64 -16.21 -12.83 13.97
C VAL A 64 -17.71 -13.16 14.23
N GLY A 65 -18.09 -14.42 14.01
CA GLY A 65 -19.44 -14.91 14.28
C GLY A 65 -19.86 -14.72 15.71
N ALA A 66 -18.94 -15.04 16.66
CA ALA A 66 -19.15 -14.89 18.11
C ALA A 66 -19.24 -13.40 18.46
N ALA A 67 -18.40 -12.53 17.82
CA ALA A 67 -18.45 -11.07 18.01
C ALA A 67 -19.81 -10.54 17.56
N PHE A 68 -20.28 -10.97 16.37
CA PHE A 68 -21.58 -10.58 15.80
C PHE A 68 -22.75 -11.04 16.68
N ARG A 69 -22.65 -12.25 17.30
CA ARG A 69 -23.69 -12.82 18.16
C ARG A 69 -23.65 -12.32 19.61
N SER A 70 -22.49 -11.81 20.10
CA SER A 70 -22.35 -11.33 21.47
C SER A 70 -23.25 -10.13 21.79
N ALA A 71 -23.60 -9.96 23.08
CA ALA A 71 -24.46 -8.87 23.56
C ALA A 71 -23.86 -7.48 23.29
N ARG A 72 -22.56 -7.29 23.62
CA ARG A 72 -21.86 -6.01 23.44
C ARG A 72 -21.30 -5.78 22.02
N GLY A 73 -21.01 -6.86 21.29
CA GLY A 73 -20.46 -6.80 19.95
C GLY A 73 -19.05 -6.25 19.94
N PHE A 74 -18.12 -7.01 20.56
CA PHE A 74 -16.72 -6.61 20.68
C PHE A 74 -16.00 -6.41 19.32
N ARG A 75 -15.03 -5.47 19.30
CA ARG A 75 -14.24 -5.14 18.14
C ARG A 75 -13.31 -6.28 17.75
N VAL A 76 -13.24 -6.54 16.45
CA VAL A 76 -12.35 -7.55 15.87
C VAL A 76 -11.57 -6.89 14.75
N SER A 77 -10.24 -6.98 14.79
CA SER A 77 -9.43 -6.42 13.71
C SER A 77 -8.34 -7.38 13.29
N ALA A 78 -8.15 -7.53 11.99
CA ALA A 78 -7.07 -8.34 11.45
C ALA A 78 -5.77 -7.50 11.50
N ARG A 79 -4.66 -8.12 11.88
CA ARG A 79 -3.35 -7.45 11.84
C ARG A 79 -2.51 -8.21 10.82
N GLY A 80 -1.91 -7.47 9.89
CA GLY A 80 -1.01 -8.04 8.89
C GLY A 80 0.38 -8.05 9.46
N HIS A 81 1.24 -7.10 9.05
CA HIS A 81 2.60 -7.01 9.60
C HIS A 81 2.71 -5.80 10.56
N GLY A 82 1.57 -5.18 10.87
CA GLY A 82 1.47 -4.01 11.75
C GLY A 82 2.09 -2.74 11.18
N HIS A 83 2.05 -2.57 9.85
CA HIS A 83 2.63 -1.38 9.22
C HIS A 83 1.80 -0.08 9.19
N SER A 84 0.60 -0.10 9.79
CA SER A 84 -0.28 1.07 9.92
C SER A 84 0.41 2.22 10.68
N ILE A 85 0.02 3.45 10.36
CA ILE A 85 0.57 4.69 10.94
C ILE A 85 -0.25 5.20 12.15
N SER A 86 -1.54 4.93 12.19
CA SER A 86 -2.37 5.51 13.26
C SER A 86 -3.47 4.59 13.84
N GLY A 87 -3.10 3.37 14.19
CA GLY A 87 -3.96 2.41 14.87
C GLY A 87 -5.05 1.72 14.06
N GLN A 88 -4.94 1.74 12.71
CA GLN A 88 -5.92 1.14 11.79
C GLN A 88 -6.19 -0.37 12.06
N ALA A 89 -5.18 -1.10 12.58
CA ALA A 89 -5.31 -2.55 12.85
C ALA A 89 -5.56 -2.87 14.34
N GLN A 90 -5.86 -1.84 15.15
CA GLN A 90 -6.08 -2.00 16.59
C GLN A 90 -7.57 -2.21 16.93
N ALA A 91 -7.84 -3.08 17.88
CA ALA A 91 -9.21 -3.43 18.29
C ALA A 91 -9.33 -3.20 19.80
N ALA A 92 -9.59 -1.93 20.20
CA ALA A 92 -9.69 -1.51 21.61
C ALA A 92 -10.69 -2.37 22.39
N GLY A 93 -10.20 -3.01 23.46
CA GLY A 93 -10.96 -3.89 24.33
C GLY A 93 -11.58 -5.11 23.64
N GLY A 94 -11.10 -5.42 22.43
CA GLY A 94 -11.62 -6.52 21.63
C GLY A 94 -10.59 -7.58 21.32
N VAL A 95 -10.61 -8.10 20.10
CA VAL A 95 -9.68 -9.17 19.71
C VAL A 95 -8.95 -8.80 18.41
N VAL A 96 -7.61 -8.89 18.43
CA VAL A 96 -6.81 -8.70 17.22
C VAL A 96 -6.53 -10.11 16.65
N VAL A 97 -6.78 -10.30 15.35
CA VAL A 97 -6.52 -11.55 14.65
C VAL A 97 -5.13 -11.39 14.05
N ASP A 98 -4.15 -12.16 14.57
CA ASP A 98 -2.78 -12.18 14.04
C ASP A 98 -2.81 -13.07 12.78
N MET A 99 -2.94 -12.47 11.59
CA MET A 99 -3.04 -13.18 10.32
C MET A 99 -1.72 -13.78 9.82
N SER A 100 -0.58 -13.48 10.46
CA SER A 100 0.74 -14.04 10.08
C SER A 100 0.81 -15.58 10.22
N ARG A 101 1.59 -16.20 9.31
CA ARG A 101 1.78 -17.67 9.25
C ARG A 101 2.96 -18.15 10.10
N VAL A 109 2.03 -24.64 7.21
CA VAL A 109 0.82 -25.12 6.52
C VAL A 109 1.03 -25.21 4.99
N ALA A 110 0.14 -25.97 4.30
CA ALA A 110 0.18 -26.18 2.85
C ALA A 110 -0.20 -24.93 2.08
N ARG A 111 0.59 -24.62 1.05
CA ARG A 111 0.39 -23.47 0.17
C ARG A 111 -0.04 -23.96 -1.20
N ALA A 112 -0.98 -23.25 -1.84
CA ALA A 112 -1.43 -23.62 -3.18
C ALA A 112 -0.30 -23.28 -4.17
N LEU A 113 -0.13 -24.14 -5.15
CA LEU A 113 0.86 -23.97 -6.20
C LEU A 113 0.28 -23.01 -7.23
N PRO A 114 1.10 -22.20 -7.96
CA PRO A 114 0.54 -21.37 -9.04
C PRO A 114 -0.19 -22.24 -10.08
N VAL A 115 -1.23 -21.67 -10.70
CA VAL A 115 -2.09 -22.38 -11.65
C VAL A 115 -2.15 -21.59 -12.96
N HIS A 116 -2.20 -22.31 -14.08
CA HIS A 116 -2.37 -21.70 -15.39
C HIS A 116 -3.84 -21.79 -15.83
N SER A 117 -4.36 -20.70 -16.41
CA SER A 117 -5.72 -20.69 -16.92
C SER A 117 -5.70 -20.27 -18.41
N ALA A 118 -6.24 -21.14 -19.28
CA ALA A 118 -6.38 -20.84 -20.71
C ALA A 118 -7.47 -19.79 -20.94
N ALA A 119 -8.47 -19.70 -20.01
CA ALA A 119 -9.56 -18.72 -20.09
C ALA A 119 -9.07 -17.31 -19.73
N LEU A 120 -8.24 -17.18 -18.69
CA LEU A 120 -7.69 -15.88 -18.27
C LEU A 120 -6.47 -15.52 -19.15
N GLY A 121 -5.86 -16.54 -19.76
CA GLY A 121 -4.68 -16.40 -20.61
C GLY A 121 -3.44 -16.05 -19.81
N GLY A 122 -3.35 -16.59 -18.61
CA GLY A 122 -2.24 -16.38 -17.69
C GLY A 122 -2.28 -17.23 -16.44
N HIS A 123 -1.41 -16.88 -15.49
CA HIS A 123 -1.26 -17.59 -14.23
C HIS A 123 -1.83 -16.82 -13.06
N TYR A 124 -2.14 -17.55 -11.98
CA TYR A 124 -2.58 -16.98 -10.72
C TYR A 124 -2.07 -17.86 -9.60
N VAL A 125 -2.14 -17.36 -8.37
CA VAL A 125 -1.81 -18.14 -7.19
C VAL A 125 -2.76 -17.72 -6.06
N ASP A 126 -3.30 -18.72 -5.34
CA ASP A 126 -4.15 -18.51 -4.17
C ASP A 126 -3.21 -18.39 -2.98
N VAL A 127 -3.37 -17.33 -2.20
CA VAL A 127 -2.53 -17.10 -1.03
C VAL A 127 -3.40 -16.81 0.18
N TRP A 128 -2.92 -17.18 1.38
CA TRP A 128 -3.58 -16.85 2.65
C TRP A 128 -3.52 -15.30 2.81
N GLY A 129 -4.61 -14.70 3.31
CA GLY A 129 -4.73 -13.26 3.51
C GLY A 129 -3.60 -12.60 4.30
N GLY A 130 -3.05 -13.35 5.26
CA GLY A 130 -1.96 -12.89 6.10
C GLY A 130 -0.57 -13.11 5.53
N GLU A 131 -0.46 -13.76 4.36
CA GLU A 131 0.85 -14.03 3.74
C GLU A 131 1.56 -12.70 3.42
N LEU A 132 2.90 -12.65 3.65
CA LEU A 132 3.67 -11.45 3.33
C LEU A 132 4.07 -11.54 1.87
N TRP A 133 4.10 -10.40 1.18
CA TRP A 133 4.45 -10.35 -0.25
C TRP A 133 5.83 -10.97 -0.55
N VAL A 134 6.82 -10.83 0.39
CA VAL A 134 8.16 -11.41 0.29
C VAL A 134 8.08 -12.96 0.19
N ASP A 135 7.17 -13.56 0.98
CA ASP A 135 6.95 -15.02 0.99
C ASP A 135 6.17 -15.46 -0.24
N VAL A 136 5.24 -14.63 -0.74
CA VAL A 136 4.50 -14.90 -1.98
C VAL A 136 5.54 -14.99 -3.13
N LEU A 137 6.40 -13.95 -3.26
CA LEU A 137 7.45 -13.86 -4.27
C LEU A 137 8.35 -15.09 -4.29
N ASN A 138 8.92 -15.47 -3.13
CA ASN A 138 9.80 -16.63 -3.03
C ASN A 138 9.08 -17.91 -3.44
N TRP A 139 7.80 -18.06 -3.06
CA TRP A 139 6.99 -19.23 -3.42
C TRP A 139 6.76 -19.33 -4.93
N THR A 140 6.30 -18.23 -5.58
CA THR A 140 5.97 -18.18 -7.01
C THR A 140 7.20 -18.36 -7.89
N LEU A 141 8.34 -17.76 -7.48
CA LEU A 141 9.60 -17.90 -8.21
C LEU A 141 10.09 -19.33 -8.21
N SER A 142 10.03 -20.00 -7.05
CA SER A 142 10.46 -21.39 -6.90
C SER A 142 9.46 -22.41 -7.51
N HIS A 143 8.27 -21.96 -7.96
CA HIS A 143 7.26 -22.84 -8.57
C HIS A 143 6.82 -22.34 -9.95
N GLY A 144 7.76 -22.33 -10.89
CA GLY A 144 7.50 -21.90 -12.25
C GLY A 144 8.17 -20.62 -12.71
N GLY A 145 8.96 -19.99 -11.82
CA GLY A 145 9.62 -18.72 -12.13
C GLY A 145 8.62 -17.61 -12.38
N LEU A 146 7.50 -17.62 -11.64
CA LEU A 146 6.41 -16.63 -11.75
C LEU A 146 6.46 -15.62 -10.63
N ALA A 147 5.81 -14.46 -10.82
CA ALA A 147 5.76 -13.40 -9.82
C ALA A 147 4.59 -12.44 -10.05
N PRO A 148 4.07 -11.81 -8.98
CA PRO A 148 3.09 -10.72 -9.17
C PRO A 148 3.67 -9.62 -10.08
N ARG A 149 2.80 -8.85 -10.75
CA ARG A 149 3.17 -7.79 -11.71
C ARG A 149 3.26 -6.42 -11.07
N SER A 150 2.56 -6.25 -9.96
CA SER A 150 2.41 -4.96 -9.29
C SER A 150 2.81 -5.11 -7.83
N TRP A 151 3.68 -4.21 -7.39
CA TRP A 151 4.26 -4.29 -6.05
C TRP A 151 3.97 -3.10 -5.14
N THR A 152 4.51 -3.20 -3.91
CA THR A 152 4.71 -2.13 -2.94
C THR A 152 6.26 -2.01 -2.88
N ASP A 153 6.79 -0.90 -2.36
CA ASP A 153 8.25 -0.71 -2.24
C ASP A 153 8.83 -1.65 -1.18
N TYR A 154 8.01 -2.04 -0.20
CA TYR A 154 8.43 -2.87 0.91
C TYR A 154 7.60 -4.16 0.88
N LEU A 155 8.28 -5.33 0.86
CA LEU A 155 7.64 -6.64 0.71
C LEU A 155 7.20 -7.30 2.01
N TYR A 156 7.60 -6.74 3.17
CA TYR A 156 7.19 -7.29 4.47
C TYR A 156 5.87 -6.66 4.89
N LEU A 157 4.87 -6.76 4.02
CA LEU A 157 3.51 -6.27 4.19
C LEU A 157 2.60 -7.44 3.87
N SER A 158 1.44 -7.56 4.52
CA SER A 158 0.52 -8.65 4.21
C SER A 158 -0.29 -8.36 2.93
N VAL A 159 -0.73 -9.45 2.28
CA VAL A 159 -1.59 -9.37 1.09
C VAL A 159 -2.94 -8.69 1.45
N GLY A 160 -3.55 -9.11 2.57
CA GLY A 160 -4.82 -8.55 3.04
C GLY A 160 -4.71 -7.08 3.37
N GLY A 161 -3.58 -6.70 3.98
CA GLY A 161 -3.27 -5.32 4.36
C GLY A 161 -3.18 -4.35 3.18
N THR A 162 -2.37 -4.72 2.16
CA THR A 162 -2.21 -3.86 0.97
C THR A 162 -3.46 -3.86 0.12
N LEU A 163 -4.13 -5.02 -0.01
CA LEU A 163 -5.40 -5.07 -0.80
C LEU A 163 -6.53 -4.28 -0.15
N SER A 164 -6.44 -4.03 1.18
CA SER A 164 -7.44 -3.18 1.86
C SER A 164 -7.18 -1.68 1.62
N ASN A 165 -6.04 -1.32 0.96
CA ASN A 165 -5.66 0.06 0.68
C ASN A 165 -5.56 0.28 -0.84
N ALA A 166 -4.51 -0.25 -1.47
CA ALA A 166 -4.33 -0.27 -2.93
C ALA A 166 -3.10 -1.10 -3.29
N GLY A 167 -1.95 -0.76 -2.70
CA GLY A 167 -0.68 -1.44 -2.97
C GLY A 167 -0.05 -0.82 -4.19
N ILE A 168 0.76 0.21 -3.97
CA ILE A 168 1.39 0.98 -5.03
C ILE A 168 2.91 1.00 -4.94
N SER A 169 3.54 1.11 -6.10
CA SER A 169 5.00 1.21 -6.28
C SER A 169 5.21 1.64 -7.75
N GLY A 170 6.46 1.58 -8.24
CA GLY A 170 6.80 1.98 -9.60
C GLY A 170 6.13 1.31 -10.78
N GLN A 171 5.40 0.18 -10.56
CA GLN A 171 4.70 -0.57 -11.63
C GLN A 171 3.26 -0.14 -11.84
N ALA A 172 2.66 0.52 -10.82
CA ALA A 172 1.25 0.91 -10.84
C ALA A 172 0.80 1.74 -12.04
N PHE A 173 1.68 2.61 -12.57
CA PHE A 173 1.37 3.43 -13.78
C PHE A 173 0.95 2.53 -14.96
N HIS A 174 1.58 1.33 -15.08
CA HIS A 174 1.36 0.39 -16.17
C HIS A 174 0.39 -0.76 -15.80
N HIS A 175 0.61 -1.45 -14.67
CA HIS A 175 -0.27 -2.58 -14.30
C HIS A 175 -1.44 -2.22 -13.38
N GLY A 176 -1.42 -1.00 -12.87
CA GLY A 176 -2.37 -0.54 -11.87
C GLY A 176 -1.88 -0.99 -10.50
N PRO A 177 -2.56 -0.56 -9.43
CA PRO A 177 -2.18 -1.00 -8.08
C PRO A 177 -2.47 -2.49 -7.87
N GLN A 178 -2.06 -3.04 -6.73
CA GLN A 178 -2.28 -4.45 -6.43
C GLN A 178 -3.78 -4.82 -6.43
N ILE A 179 -4.68 -3.83 -6.10
CA ILE A 179 -6.12 -4.06 -6.14
C ILE A 179 -6.65 -4.26 -7.58
N SER A 180 -5.84 -3.94 -8.62
CA SER A 180 -6.20 -4.14 -10.04
C SER A 180 -5.58 -5.47 -10.57
N ASN A 181 -4.89 -6.23 -9.69
CA ASN A 181 -4.18 -7.46 -10.09
C ASN A 181 -4.58 -8.66 -9.22
N VAL A 182 -5.89 -8.74 -8.90
CA VAL A 182 -6.44 -9.80 -8.07
C VAL A 182 -7.75 -10.28 -8.73
N TYR A 183 -7.86 -11.58 -8.92
CA TYR A 183 -9.02 -12.17 -9.60
C TYR A 183 -10.19 -12.50 -8.69
N GLU A 184 -9.88 -12.87 -7.43
CA GLU A 184 -10.88 -13.43 -6.54
C GLU A 184 -10.41 -13.35 -5.09
N LEU A 185 -11.37 -13.32 -4.17
CA LEU A 185 -11.14 -13.32 -2.72
C LEU A 185 -12.10 -14.28 -2.04
N ASP A 186 -11.69 -14.74 -0.84
CA ASP A 186 -12.54 -15.35 0.16
C ASP A 186 -12.53 -14.29 1.25
N VAL A 187 -13.72 -13.92 1.68
CA VAL A 187 -13.91 -12.87 2.68
C VAL A 187 -14.79 -13.37 3.82
N VAL A 188 -14.36 -13.10 5.06
CA VAL A 188 -15.14 -13.35 6.27
C VAL A 188 -15.79 -12.00 6.56
N THR A 189 -17.11 -11.89 6.35
CA THR A 189 -17.85 -10.64 6.60
C THR A 189 -17.97 -10.35 8.11
N GLY A 190 -18.49 -9.16 8.44
CA GLY A 190 -18.77 -8.74 9.82
C GLY A 190 -19.84 -9.54 10.52
N LYS A 191 -20.46 -10.51 9.78
CA LYS A 191 -21.47 -11.43 10.31
C LYS A 191 -20.88 -12.85 10.45
N GLY A 192 -19.57 -13.00 10.20
CA GLY A 192 -18.87 -14.27 10.32
C GLY A 192 -19.19 -15.29 9.23
N GLU A 193 -19.60 -14.79 8.06
CA GLU A 193 -19.95 -15.61 6.90
C GLU A 193 -18.75 -15.62 5.92
N VAL A 194 -18.34 -16.81 5.46
CA VAL A 194 -17.24 -16.96 4.48
C VAL A 194 -17.83 -16.83 3.06
N VAL A 195 -17.42 -15.82 2.31
CA VAL A 195 -17.97 -15.55 0.98
C VAL A 195 -16.85 -15.52 -0.08
N THR A 196 -17.03 -16.29 -1.18
CA THR A 196 -16.12 -16.25 -2.32
C THR A 196 -16.66 -15.16 -3.24
N CYS A 197 -15.78 -14.23 -3.64
CA CYS A 197 -16.23 -13.12 -4.48
C CYS A 197 -15.17 -12.73 -5.51
N SER A 198 -15.65 -12.15 -6.62
CA SER A 198 -14.89 -11.69 -7.78
C SER A 198 -15.78 -10.71 -8.56
N GLU A 199 -15.38 -10.33 -9.79
CA GLU A 199 -16.16 -9.48 -10.70
C GLU A 199 -17.46 -10.18 -11.12
N THR A 200 -17.45 -11.51 -11.21
CA THR A 200 -18.62 -12.28 -11.64
C THR A 200 -19.39 -12.97 -10.51
N GLU A 201 -18.88 -12.88 -9.26
CA GLU A 201 -19.51 -13.56 -8.12
C GLU A 201 -19.47 -12.63 -6.89
N ASN A 202 -20.66 -12.18 -6.41
CA ASN A 202 -20.80 -11.21 -5.30
C ASN A 202 -19.89 -9.98 -5.59
N PRO A 203 -20.01 -9.33 -6.78
CA PRO A 203 -19.11 -8.19 -7.10
C PRO A 203 -19.12 -7.03 -6.12
N ASP A 204 -20.28 -6.76 -5.45
CA ASP A 204 -20.40 -5.66 -4.48
C ASP A 204 -19.43 -5.85 -3.32
N LEU A 205 -19.32 -7.10 -2.79
CA LEU A 205 -18.40 -7.39 -1.71
C LEU A 205 -16.94 -7.34 -2.21
N PHE A 206 -16.64 -7.95 -3.37
CA PHE A 206 -15.32 -7.96 -3.98
C PHE A 206 -14.76 -6.53 -4.18
N PHE A 207 -15.49 -5.70 -4.92
CA PHE A 207 -15.10 -4.31 -5.16
C PHE A 207 -15.13 -3.44 -3.89
N GLY A 208 -16.01 -3.75 -2.93
CA GLY A 208 -16.08 -3.02 -1.66
C GLY A 208 -14.84 -3.24 -0.80
N VAL A 209 -14.44 -4.52 -0.67
CA VAL A 209 -13.26 -4.96 0.11
C VAL A 209 -11.95 -4.38 -0.44
N LEU A 210 -11.81 -4.34 -1.78
CA LEU A 210 -10.61 -3.81 -2.45
C LEU A 210 -10.53 -2.31 -2.20
N GLY A 211 -9.52 -1.91 -1.43
CA GLY A 211 -9.33 -0.54 -0.99
C GLY A 211 -10.32 -0.10 0.08
N GLY A 212 -11.06 -1.07 0.63
CA GLY A 212 -12.14 -0.88 1.60
C GLY A 212 -11.79 -0.69 3.06
N LEU A 213 -10.48 -0.57 3.38
CA LEU A 213 -9.99 -0.26 4.73
C LEU A 213 -10.44 -1.25 5.84
N GLY A 214 -10.57 -2.53 5.47
CA GLY A 214 -11.02 -3.61 6.35
C GLY A 214 -12.48 -3.51 6.81
N GLN A 215 -13.25 -2.58 6.24
CA GLN A 215 -14.63 -2.30 6.67
C GLN A 215 -15.71 -3.37 6.44
N PHE A 216 -15.52 -4.22 5.42
CA PHE A 216 -16.56 -5.18 5.01
C PHE A 216 -16.24 -6.65 5.26
N GLY A 217 -15.04 -6.90 5.77
CA GLY A 217 -14.60 -8.25 6.07
C GLY A 217 -13.11 -8.44 6.07
N ILE A 218 -12.70 -9.63 6.50
CA ILE A 218 -11.31 -10.08 6.57
C ILE A 218 -11.02 -10.98 5.36
N ILE A 219 -10.00 -10.60 4.57
CA ILE A 219 -9.54 -11.38 3.43
C ILE A 219 -8.81 -12.62 4.00
N THR A 220 -9.32 -13.82 3.70
CA THR A 220 -8.66 -15.07 4.13
C THR A 220 -7.93 -15.70 2.93
N ARG A 221 -8.37 -15.41 1.71
CA ARG A 221 -7.73 -15.89 0.49
C ARG A 221 -7.76 -14.78 -0.56
N ALA A 222 -6.65 -14.63 -1.27
CA ALA A 222 -6.56 -13.70 -2.40
C ALA A 222 -5.94 -14.45 -3.57
N ARG A 223 -6.57 -14.37 -4.75
CA ARG A 223 -6.10 -15.02 -5.97
C ARG A 223 -5.32 -13.97 -6.80
N ILE A 224 -3.99 -13.98 -6.67
CA ILE A 224 -3.08 -12.99 -7.25
C ILE A 224 -2.67 -13.31 -8.70
N ALA A 225 -2.78 -12.32 -9.60
CA ALA A 225 -2.35 -12.47 -11.00
C ALA A 225 -0.82 -12.56 -11.04
N LEU A 226 -0.30 -13.41 -11.94
CA LEU A 226 1.15 -13.62 -12.03
C LEU A 226 1.61 -13.49 -13.45
N GLU A 227 2.89 -13.16 -13.61
CA GLU A 227 3.53 -13.11 -14.92
C GLU A 227 4.83 -13.89 -14.83
N ARG A 228 5.42 -14.21 -15.99
CA ARG A 228 6.72 -14.83 -16.05
C ARG A 228 7.69 -13.77 -15.53
N ALA A 229 8.39 -14.09 -14.44
CA ALA A 229 9.27 -13.12 -13.82
C ALA A 229 10.55 -12.80 -14.59
N PRO A 230 10.96 -11.51 -14.64
CA PRO A 230 12.28 -11.20 -15.22
C PRO A 230 13.37 -11.80 -14.31
N LYS A 231 14.58 -11.99 -14.83
CA LYS A 231 15.65 -12.55 -14.00
C LYS A 231 16.45 -11.42 -13.35
N ARG A 232 16.66 -10.32 -14.09
CA ARG A 232 17.49 -9.21 -13.65
C ARG A 232 16.85 -7.86 -13.90
N VAL A 233 17.45 -6.83 -13.29
CA VAL A 233 16.99 -5.44 -13.35
C VAL A 233 18.17 -4.50 -13.62
N ARG A 234 17.96 -3.56 -14.53
CA ARG A 234 18.88 -2.45 -14.78
C ARG A 234 18.20 -1.28 -14.04
N TRP A 235 18.74 -0.93 -12.86
CA TRP A 235 18.23 0.08 -11.92
C TRP A 235 19.00 1.39 -12.12
N ILE A 236 18.27 2.43 -12.55
CA ILE A 236 18.83 3.74 -12.92
C ILE A 236 18.29 4.89 -12.02
N ARG A 237 19.18 5.83 -11.69
CA ARG A 237 18.88 7.06 -10.97
C ARG A 237 19.57 8.19 -11.71
N ALA A 238 18.85 9.31 -11.90
CA ALA A 238 19.35 10.51 -12.58
C ALA A 238 18.79 11.72 -11.82
N LEU A 239 19.58 12.81 -11.74
CA LEU A 239 19.21 14.01 -10.99
C LEU A 239 18.73 15.18 -11.84
N TYR A 240 17.84 16.00 -11.26
CA TYR A 240 17.23 17.21 -11.85
C TYR A 240 17.26 18.30 -10.81
N SER A 241 17.57 19.53 -11.22
CA SER A 241 17.47 20.71 -10.35
C SER A 241 16.19 21.46 -10.76
N ASN A 242 15.63 21.15 -11.96
CA ASN A 242 14.43 21.79 -12.47
C ASN A 242 13.16 20.92 -12.29
N PHE A 243 12.25 21.33 -11.37
CA PHE A 243 11.00 20.60 -11.08
C PHE A 243 10.07 20.44 -12.29
N SER A 244 10.01 21.48 -13.18
CA SER A 244 9.20 21.45 -14.41
C SER A 244 9.69 20.35 -15.35
N GLU A 245 11.03 20.24 -15.50
CA GLU A 245 11.64 19.19 -16.36
C GLU A 245 11.47 17.81 -15.73
N PHE A 246 11.64 17.70 -14.39
CA PHE A 246 11.52 16.45 -13.65
C PHE A 246 10.11 15.83 -13.79
N THR A 247 9.06 16.62 -13.49
CA THR A 247 7.66 16.17 -13.60
C THR A 247 7.29 15.90 -15.07
N ALA A 248 7.75 16.75 -16.02
CA ALA A 248 7.47 16.55 -17.45
C ALA A 248 8.01 15.20 -17.93
N ASP A 249 9.22 14.82 -17.45
CA ASP A 249 9.86 13.54 -17.77
C ASP A 249 9.13 12.37 -17.13
N GLN A 250 8.74 12.48 -15.82
CA GLN A 250 7.96 11.43 -15.14
C GLN A 250 6.62 11.20 -15.87
N GLU A 251 5.94 12.30 -16.27
CA GLU A 251 4.66 12.22 -16.98
C GLU A 251 4.80 11.61 -18.35
N ARG A 252 5.88 11.94 -19.07
CA ARG A 252 6.10 11.33 -20.38
C ARG A 252 6.41 9.82 -20.25
N LEU A 253 7.23 9.44 -19.25
CA LEU A 253 7.61 8.03 -19.00
C LEU A 253 6.42 7.14 -18.69
N ILE A 254 5.41 7.67 -17.96
CA ILE A 254 4.21 6.91 -17.62
C ILE A 254 3.17 6.81 -18.75
N SER A 255 3.35 7.58 -19.83
CA SER A 255 2.44 7.57 -20.99
C SER A 255 2.88 6.56 -22.06
N LEU A 256 4.12 6.03 -21.96
CA LEU A 256 4.74 5.13 -22.94
C LEU A 256 4.11 3.74 -23.07
N GLY A 261 6.36 -1.11 -28.28
CA GLY A 261 6.31 0.05 -27.39
C GLY A 261 7.33 0.01 -26.27
N ARG A 262 8.46 0.72 -26.46
CA ARG A 262 9.56 0.80 -25.51
C ARG A 262 9.16 1.65 -24.29
N ARG A 263 9.41 1.12 -23.08
CA ARG A 263 9.09 1.79 -21.81
C ARG A 263 9.94 1.25 -20.66
N PHE A 264 9.98 1.98 -19.54
CA PHE A 264 10.60 1.49 -18.32
C PHE A 264 9.54 0.63 -17.61
N ASP A 265 9.97 -0.32 -16.79
CA ASP A 265 9.10 -1.20 -16.04
C ASP A 265 8.73 -0.63 -14.66
N TYR A 266 9.39 0.45 -14.26
CA TYR A 266 9.21 1.05 -12.94
C TYR A 266 9.56 2.50 -13.06
N VAL A 267 8.69 3.38 -12.52
CA VAL A 267 8.89 4.83 -12.51
C VAL A 267 8.55 5.38 -11.13
N GLU A 268 9.57 5.86 -10.43
CA GLU A 268 9.41 6.54 -9.15
C GLU A 268 10.31 7.78 -9.16
N GLY A 269 10.34 8.48 -8.05
CA GLY A 269 11.15 9.67 -7.87
C GLY A 269 11.16 10.05 -6.41
N PHE A 270 12.11 10.92 -6.04
CA PHE A 270 12.23 11.40 -4.67
C PHE A 270 12.87 12.77 -4.58
N VAL A 271 12.53 13.52 -3.51
CA VAL A 271 13.03 14.88 -3.26
C VAL A 271 14.28 14.75 -2.41
N VAL A 272 15.36 15.44 -2.81
CA VAL A 272 16.65 15.37 -2.11
C VAL A 272 17.19 16.76 -1.72
N ALA A 273 17.71 16.87 -0.49
CA ALA A 273 18.35 18.10 0.01
C ALA A 273 19.74 18.20 -0.62
N ALA A 274 20.07 19.36 -1.22
CA ALA A 274 21.36 19.59 -1.86
C ALA A 274 22.39 20.09 -0.85
N SER A 302 19.61 24.10 -3.98
CA SER A 302 18.89 24.00 -2.71
C SER A 302 18.17 22.65 -2.60
N VAL A 303 17.27 22.36 -3.56
CA VAL A 303 16.46 21.14 -3.61
C VAL A 303 16.66 20.44 -4.96
N LEU A 304 16.93 19.12 -4.91
CA LEU A 304 17.11 18.33 -6.13
C LEU A 304 16.04 17.22 -6.23
N TYR A 305 15.80 16.73 -7.44
CA TYR A 305 14.82 15.67 -7.68
C TYR A 305 15.51 14.50 -8.35
N CYS A 306 15.29 13.32 -7.78
CA CYS A 306 15.91 12.14 -8.33
C CYS A 306 14.86 11.29 -9.02
N LEU A 307 15.06 11.05 -10.33
CA LEU A 307 14.22 10.16 -11.12
C LEU A 307 14.77 8.73 -10.92
N GLU A 308 13.88 7.77 -10.61
CA GLU A 308 14.31 6.38 -10.42
C GLU A 308 13.54 5.50 -11.37
N VAL A 309 14.25 4.80 -12.26
CA VAL A 309 13.63 3.91 -13.25
C VAL A 309 14.31 2.57 -13.31
N THR A 310 13.60 1.56 -13.84
CA THR A 310 14.19 0.23 -14.05
C THR A 310 13.79 -0.33 -15.39
N LYS A 311 14.62 -1.22 -15.89
CA LYS A 311 14.37 -1.99 -17.08
C LYS A 311 14.61 -3.45 -16.72
N ASN A 312 13.52 -4.21 -16.68
CA ASN A 312 13.50 -5.65 -16.41
C ASN A 312 14.01 -6.41 -17.63
N TYR A 313 14.76 -7.49 -17.41
CA TYR A 313 15.27 -8.34 -18.48
C TYR A 313 15.52 -9.78 -18.03
N ASP A 314 15.65 -10.69 -19.01
CA ASP A 314 15.94 -12.11 -18.82
C ASP A 314 16.92 -12.57 -19.91
N ASP A 315 17.23 -13.89 -19.98
CA ASP A 315 18.19 -14.43 -20.96
C ASP A 315 17.92 -14.03 -22.43
N GLU A 316 16.64 -13.97 -22.83
CA GLU A 316 16.22 -13.60 -24.18
C GLU A 316 16.47 -12.14 -24.51
N THR A 317 16.11 -11.22 -23.58
CA THR A 317 16.26 -9.76 -23.76
C THR A 317 17.58 -9.16 -23.27
N ALA A 318 18.47 -9.99 -22.68
CA ALA A 318 19.78 -9.55 -22.18
C ALA A 318 20.63 -8.81 -23.23
N GLY A 319 20.52 -9.25 -24.49
CA GLY A 319 21.24 -8.69 -25.63
C GLY A 319 20.75 -7.34 -26.12
N SER A 320 19.52 -6.93 -25.76
CA SER A 320 18.95 -5.64 -26.17
C SER A 320 18.79 -4.63 -25.03
N VAL A 321 18.94 -5.08 -23.76
CA VAL A 321 18.77 -4.22 -22.59
C VAL A 321 19.59 -2.91 -22.58
N ASP A 322 20.89 -2.97 -22.97
CA ASP A 322 21.74 -1.79 -23.01
C ASP A 322 21.26 -0.72 -23.98
N GLN A 323 20.84 -1.13 -25.19
CA GLN A 323 20.31 -0.22 -26.22
C GLN A 323 18.95 0.36 -25.82
N ASP A 324 18.05 -0.48 -25.25
CA ASP A 324 16.72 -0.04 -24.80
C ASP A 324 16.84 1.05 -23.74
N VAL A 325 17.77 0.87 -22.77
CA VAL A 325 18.03 1.84 -21.70
C VAL A 325 18.55 3.15 -22.31
N ASP A 326 19.60 3.08 -23.15
CA ASP A 326 20.22 4.24 -23.80
C ASP A 326 19.24 5.06 -24.66
N THR A 327 18.38 4.37 -25.43
CA THR A 327 17.34 4.96 -26.27
C THR A 327 16.36 5.78 -25.40
N LEU A 328 15.80 5.15 -24.34
CA LEU A 328 14.87 5.80 -23.41
C LEU A 328 15.49 6.98 -22.66
N LEU A 329 16.76 6.83 -22.22
CA LEU A 329 17.49 7.89 -21.48
C LEU A 329 17.82 9.11 -22.36
N GLY A 330 18.11 8.88 -23.64
CA GLY A 330 18.44 9.92 -24.61
C GLY A 330 17.33 10.94 -24.81
N GLU A 331 16.07 10.48 -24.63
CA GLU A 331 14.86 11.29 -24.76
C GLU A 331 14.58 12.15 -23.51
N LEU A 332 15.30 11.89 -22.39
CA LEU A 332 15.10 12.58 -21.11
C LEU A 332 15.95 13.84 -20.90
N ASN A 333 15.57 14.68 -19.91
CA ASN A 333 16.20 15.95 -19.64
C ASN A 333 16.88 16.06 -18.26
N PHE A 334 17.41 14.93 -17.75
CA PHE A 334 18.14 14.91 -16.48
C PHE A 334 19.47 15.70 -16.60
N LEU A 335 20.08 16.08 -15.46
CA LEU A 335 21.35 16.82 -15.45
C LEU A 335 22.48 15.92 -16.00
N PRO A 336 23.28 16.41 -16.97
CA PRO A 336 24.34 15.56 -17.55
C PRO A 336 25.37 15.06 -16.54
N GLY A 337 25.73 13.78 -16.66
CA GLY A 337 26.69 13.14 -15.78
C GLY A 337 26.20 12.81 -14.39
N THR A 338 24.86 12.74 -14.21
CA THR A 338 24.23 12.42 -12.93
C THR A 338 23.54 11.04 -12.97
N VAL A 339 23.78 10.25 -14.04
CA VAL A 339 23.20 8.91 -14.20
C VAL A 339 24.00 7.92 -13.35
N PHE A 340 23.30 7.16 -12.47
CA PHE A 340 23.87 6.11 -11.63
C PHE A 340 23.12 4.83 -11.97
N THR A 341 23.86 3.78 -12.31
CA THR A 341 23.31 2.49 -12.73
C THR A 341 23.84 1.32 -11.90
N THR A 342 22.93 0.40 -11.56
CA THR A 342 23.15 -0.85 -10.83
C THR A 342 22.48 -1.96 -11.65
N ASP A 343 23.09 -3.14 -11.67
CA ASP A 343 22.59 -4.33 -12.34
C ASP A 343 22.56 -5.39 -11.25
N LEU A 344 21.37 -5.97 -11.00
CA LEU A 344 21.17 -6.90 -9.89
C LEU A 344 20.00 -7.86 -10.15
N PRO A 345 19.90 -9.00 -9.42
CA PRO A 345 18.74 -9.90 -9.61
C PRO A 345 17.42 -9.25 -9.23
N TYR A 346 16.32 -9.72 -9.86
CA TYR A 346 14.95 -9.21 -9.64
C TYR A 346 14.52 -9.23 -8.17
N VAL A 347 14.75 -10.36 -7.45
CA VAL A 347 14.45 -10.46 -6.01
C VAL A 347 15.17 -9.38 -5.21
N ASP A 348 16.47 -9.14 -5.51
CA ASP A 348 17.27 -8.16 -4.79
C ASP A 348 16.76 -6.76 -4.97
N PHE A 349 16.34 -6.40 -6.21
CA PHE A 349 15.77 -5.09 -6.43
C PHE A 349 14.48 -4.96 -5.61
N LEU A 350 13.57 -5.96 -5.69
CA LEU A 350 12.27 -5.90 -5.00
C LEU A 350 12.40 -5.84 -3.47
N ASP A 351 13.49 -6.40 -2.93
CA ASP A 351 13.76 -6.43 -1.50
C ASP A 351 14.65 -5.30 -0.98
N ARG A 352 14.98 -4.30 -1.85
CA ARG A 352 15.85 -3.17 -1.52
C ARG A 352 15.51 -2.44 -0.19
N VAL A 353 14.21 -2.29 0.14
CA VAL A 353 13.78 -1.59 1.37
C VAL A 353 14.06 -2.43 2.64
N HIS A 354 13.97 -3.78 2.53
CA HIS A 354 14.32 -4.66 3.66
C HIS A 354 15.83 -4.50 4.03
N LYS A 355 16.69 -4.25 3.02
CA LYS A 355 18.13 -4.03 3.21
C LYS A 355 18.37 -2.71 3.96
N ALA A 356 17.57 -1.65 3.67
CA ALA A 356 17.63 -0.35 4.35
C ALA A 356 17.14 -0.55 5.80
N GLU A 357 16.10 -1.40 6.01
CA GLU A 357 15.54 -1.74 7.32
C GLU A 357 16.59 -2.40 8.23
N LEU A 358 17.36 -3.38 7.71
CA LEU A 358 18.41 -4.06 8.49
C LEU A 358 19.48 -3.10 9.01
N LYS A 359 19.88 -2.11 8.17
CA LYS A 359 20.86 -1.09 8.54
C LYS A 359 20.29 -0.13 9.61
N LEU A 360 18.99 0.26 9.47
CA LEU A 360 18.30 1.13 10.43
C LEU A 360 18.13 0.45 11.79
N ARG A 361 17.76 -0.86 11.77
CA ARG A 361 17.59 -1.69 12.98
C ARG A 361 18.91 -1.76 13.80
N ALA A 362 20.06 -1.88 13.10
CA ALA A 362 21.40 -1.98 13.71
C ALA A 362 21.82 -0.65 14.38
N LYS A 363 21.26 0.47 13.92
CA LYS A 363 21.52 1.82 14.43
C LYS A 363 20.44 2.27 15.44
N GLY A 364 19.47 1.39 15.73
CA GLY A 364 18.34 1.68 16.62
C GLY A 364 17.43 2.78 16.07
N MET A 365 17.30 2.85 14.72
CA MET A 365 16.55 3.88 14.01
C MET A 365 15.34 3.36 13.25
N TRP A 366 14.87 2.15 13.60
CA TRP A 366 13.71 1.52 12.99
C TRP A 366 12.50 1.59 13.89
N GLU A 367 12.67 1.24 15.17
CA GLU A 367 11.58 1.27 16.15
C GLU A 367 11.49 2.65 16.78
N VAL A 368 11.13 3.64 15.95
CA VAL A 368 10.98 5.06 16.29
C VAL A 368 9.61 5.50 15.74
N PRO A 369 8.99 6.61 16.24
CA PRO A 369 7.71 7.04 15.64
C PRO A 369 7.86 7.37 14.16
N HIS A 370 6.85 7.01 13.37
CA HIS A 370 6.82 7.30 11.93
C HIS A 370 5.57 8.09 11.56
N PRO A 371 5.60 9.43 11.69
CA PRO A 371 4.41 10.23 11.34
C PRO A 371 4.35 10.43 9.82
N TRP A 372 4.08 9.33 9.10
CA TRP A 372 4.03 9.30 7.64
C TRP A 372 2.74 9.89 7.08
N LEU A 373 2.88 10.69 6.02
CA LEU A 373 1.74 11.32 5.34
C LEU A 373 1.80 11.03 3.86
N ASN A 374 0.74 10.41 3.35
CA ASN A 374 0.66 10.04 1.93
C ASN A 374 -0.48 10.74 1.26
N LEU A 375 -0.14 11.50 0.23
CA LEU A 375 -1.13 12.23 -0.55
C LEU A 375 -1.17 11.84 -2.01
N PHE A 376 -2.38 11.80 -2.57
CA PHE A 376 -2.60 11.66 -4.00
C PHE A 376 -2.92 13.08 -4.47
N VAL A 377 -2.03 13.67 -5.27
CA VAL A 377 -2.13 15.06 -5.72
C VAL A 377 -2.45 15.13 -7.24
N PRO A 378 -3.55 15.80 -7.65
CA PRO A 378 -3.84 15.93 -9.10
C PRO A 378 -2.66 16.58 -9.83
N ALA A 379 -2.23 16.00 -10.99
CA ALA A 379 -1.10 16.50 -11.80
C ALA A 379 -1.22 17.99 -12.16
N SER A 380 -2.47 18.50 -12.31
CA SER A 380 -2.71 19.91 -12.62
C SER A 380 -2.24 20.86 -11.47
N ARG A 381 -1.98 20.32 -10.26
CA ARG A 381 -1.59 21.13 -9.11
C ARG A 381 -0.24 20.77 -8.50
N ILE A 382 0.52 19.88 -9.17
CA ILE A 382 1.82 19.42 -8.69
C ILE A 382 2.87 20.55 -8.67
N ALA A 383 2.83 21.49 -9.65
CA ALA A 383 3.80 22.59 -9.76
C ALA A 383 3.81 23.44 -8.50
N ASP A 384 2.61 23.79 -7.98
CA ASP A 384 2.41 24.56 -6.76
C ASP A 384 3.04 23.86 -5.53
N PHE A 385 3.22 22.51 -5.57
CA PHE A 385 3.84 21.69 -4.53
C PHE A 385 5.34 21.93 -4.38
N ASP A 386 6.01 22.39 -5.45
CA ASP A 386 7.45 22.69 -5.39
C ASP A 386 7.84 23.86 -4.44
N ARG A 387 7.40 25.11 -4.74
CA ARG A 387 7.76 26.24 -3.87
C ARG A 387 6.90 26.24 -2.62
N GLY A 388 5.67 25.75 -2.73
CA GLY A 388 4.73 25.72 -1.60
C GLY A 388 5.08 24.76 -0.46
N VAL A 389 5.58 23.54 -0.81
CA VAL A 389 5.88 22.48 0.15
C VAL A 389 7.36 22.11 0.25
N PHE A 390 7.96 21.63 -0.85
CA PHE A 390 9.35 21.17 -0.90
C PHE A 390 10.35 22.31 -0.62
N ARG A 391 10.06 23.51 -1.11
CA ARG A 391 10.90 24.70 -0.86
C ARG A 391 10.27 25.58 0.26
N GLY A 392 8.95 25.49 0.41
CA GLY A 392 8.17 26.28 1.37
C GLY A 392 8.10 25.71 2.78
N VAL A 393 7.11 24.82 3.03
CA VAL A 393 6.87 24.16 4.32
C VAL A 393 8.14 23.45 4.84
N LEU A 394 8.76 22.59 4.00
CA LEU A 394 9.98 21.85 4.37
C LEU A 394 11.21 22.66 4.00
N GLY A 402 15.35 13.25 9.35
CA GLY A 402 15.65 12.00 8.68
C GLY A 402 14.43 11.35 8.03
N GLY A 403 14.51 11.13 6.72
CA GLY A 403 13.41 10.51 5.99
C GLY A 403 13.18 10.94 4.55
N PRO A 404 12.87 9.96 3.68
CA PRO A 404 12.60 10.29 2.27
C PRO A 404 11.24 10.94 1.97
N VAL A 405 11.20 11.70 0.88
CA VAL A 405 9.99 12.30 0.35
C VAL A 405 9.82 11.68 -1.04
N LEU A 406 8.88 10.74 -1.20
CA LEU A 406 8.65 10.10 -2.50
C LEU A 406 7.71 10.92 -3.37
N ILE A 407 7.91 10.85 -4.70
CA ILE A 407 7.07 11.56 -5.66
C ILE A 407 7.07 10.87 -7.03
N TYR A 408 5.88 10.48 -7.52
CA TYR A 408 5.73 9.87 -8.84
C TYR A 408 4.27 9.84 -9.32
N PRO A 409 4.05 10.01 -10.64
CA PRO A 409 2.67 10.01 -11.16
C PRO A 409 2.15 8.63 -11.55
N MET A 410 0.82 8.49 -11.59
CA MET A 410 0.16 7.24 -11.97
C MET A 410 -0.98 7.56 -12.91
N ASN A 411 -1.52 6.54 -13.60
CA ASN A 411 -2.62 6.67 -14.53
C ASN A 411 -3.89 6.16 -13.88
N LYS A 412 -4.90 7.03 -13.72
CA LYS A 412 -6.17 6.69 -13.09
C LYS A 412 -6.91 5.53 -13.83
N HIS A 413 -6.82 5.45 -15.18
CA HIS A 413 -7.50 4.38 -15.96
C HIS A 413 -7.06 2.95 -15.59
N LYS A 414 -5.92 2.82 -14.89
CA LYS A 414 -5.45 1.51 -14.41
C LYS A 414 -6.09 1.16 -13.05
N TRP A 415 -6.94 2.07 -12.52
CA TRP A 415 -7.65 1.91 -11.26
C TRP A 415 -9.13 1.67 -11.58
N ASP A 416 -9.68 0.53 -11.12
CA ASP A 416 -11.08 0.23 -11.40
C ASP A 416 -11.99 1.17 -10.56
N PRO A 417 -12.85 2.02 -11.19
CA PRO A 417 -13.70 2.93 -10.41
C PRO A 417 -14.75 2.25 -9.50
N ARG A 418 -14.96 0.94 -9.66
CA ARG A 418 -15.91 0.19 -8.83
C ARG A 418 -15.36 -0.09 -7.42
N SER A 419 -14.02 -0.04 -7.23
CA SER A 419 -13.42 -0.32 -5.92
C SER A 419 -13.71 0.80 -4.87
N SER A 420 -13.39 0.54 -3.60
CA SER A 420 -13.53 1.53 -2.53
C SER A 420 -12.38 2.56 -2.54
N ALA A 421 -11.30 2.31 -3.31
CA ALA A 421 -10.16 3.22 -3.35
C ALA A 421 -10.53 4.62 -3.80
N VAL A 422 -9.98 5.63 -3.12
CA VAL A 422 -10.27 7.05 -3.37
C VAL A 422 -9.06 7.72 -4.04
N THR A 423 -9.24 8.14 -5.29
CA THR A 423 -8.18 8.84 -6.01
C THR A 423 -8.69 10.23 -6.40
N PRO A 424 -7.80 11.19 -6.73
CA PRO A 424 -8.29 12.50 -7.21
C PRO A 424 -9.01 12.34 -8.56
N ASP A 425 -9.94 13.27 -8.87
CA ASP A 425 -10.73 13.32 -10.11
C ASP A 425 -9.93 13.88 -11.30
N GLU A 426 -8.83 13.23 -11.65
CA GLU A 426 -7.95 13.60 -12.77
C GLU A 426 -7.28 12.35 -13.30
N GLU A 427 -7.07 12.29 -14.63
CA GLU A 427 -6.45 11.14 -15.29
C GLU A 427 -5.04 10.81 -14.80
N VAL A 428 -4.25 11.84 -14.47
CA VAL A 428 -2.91 11.67 -13.95
C VAL A 428 -2.86 12.34 -12.58
N PHE A 429 -2.34 11.60 -11.59
CA PHE A 429 -2.18 12.10 -10.23
C PHE A 429 -0.88 11.52 -9.67
N TYR A 430 -0.30 12.22 -8.71
CA TYR A 430 0.93 11.80 -8.06
C TYR A 430 0.73 11.25 -6.68
N LEU A 431 1.58 10.32 -6.30
CA LEU A 431 1.72 9.99 -4.91
C LEU A 431 2.80 10.97 -4.44
N VAL A 432 2.53 11.66 -3.33
CA VAL A 432 3.54 12.49 -2.66
C VAL A 432 3.60 11.89 -1.26
N ALA A 433 4.70 11.18 -0.95
CA ALA A 433 4.86 10.49 0.33
C ALA A 433 5.94 11.11 1.23
N PHE A 434 5.52 11.65 2.38
CA PHE A 434 6.39 12.28 3.38
C PHE A 434 6.71 11.17 4.39
N LEU A 435 7.88 10.56 4.24
CA LEU A 435 8.25 9.37 5.03
C LEU A 435 9.32 9.70 6.05
N ARG A 436 9.03 10.66 6.91
CA ARG A 436 10.00 11.10 7.90
C ARG A 436 9.90 10.34 9.21
N SER A 437 11.05 10.12 9.83
CA SER A 437 11.15 9.45 11.13
C SER A 437 11.49 10.50 12.18
N ALA A 438 10.88 10.36 13.36
CA ALA A 438 11.19 11.23 14.49
C ALA A 438 12.50 10.70 15.10
N LEU A 439 13.22 11.57 15.80
CA LEU A 439 14.46 11.20 16.49
C LEU A 439 14.13 10.19 17.60
N PRO A 440 14.96 9.14 17.83
CA PRO A 440 14.62 8.14 18.87
C PRO A 440 14.57 8.75 20.28
N GLY A 441 13.55 8.33 21.05
CA GLY A 441 13.31 8.75 22.42
C GLY A 441 13.12 10.25 22.62
N ALA A 442 12.70 10.97 21.54
CA ALA A 442 12.53 12.41 21.54
C ALA A 442 11.09 12.80 21.14
N PRO A 443 10.14 12.83 22.11
CA PRO A 443 8.74 13.18 21.78
C PRO A 443 8.53 14.51 21.05
N GLU A 444 9.36 15.53 21.32
CA GLU A 444 9.28 16.85 20.67
C GLU A 444 9.54 16.78 19.14
N SER A 445 10.33 15.78 18.69
CA SER A 445 10.67 15.55 17.28
C SER A 445 9.41 15.10 16.55
N LEU A 446 8.66 14.15 17.16
CA LEU A 446 7.39 13.66 16.62
C LEU A 446 6.38 14.82 16.52
N GLU A 447 6.30 15.66 17.57
CA GLU A 447 5.41 16.83 17.63
C GLU A 447 5.68 17.84 16.52
N ALA A 448 6.98 18.17 16.24
CA ALA A 448 7.34 19.13 15.18
C ALA A 448 7.00 18.58 13.79
N LEU A 449 7.24 17.29 13.59
CA LEU A 449 6.89 16.61 12.33
C LEU A 449 5.37 16.57 12.11
N ALA A 450 4.58 16.32 13.17
CA ALA A 450 3.11 16.34 13.12
C ALA A 450 2.61 17.75 12.73
N ARG A 451 3.26 18.82 13.24
CA ARG A 451 2.90 20.20 12.88
C ARG A 451 3.19 20.48 11.40
N GLN A 452 4.31 19.96 10.88
CA GLN A 452 4.67 20.07 9.46
C GLN A 452 3.62 19.39 8.57
N ASN A 453 3.13 18.18 8.97
CA ASN A 453 2.09 17.46 8.25
C ASN A 453 0.78 18.27 8.19
N GLN A 454 0.39 18.88 9.32
CA GLN A 454 -0.80 19.73 9.38
C GLN A 454 -0.63 20.97 8.47
N ARG A 455 0.59 21.55 8.40
CA ARG A 455 0.87 22.70 7.52
C ARG A 455 0.74 22.31 6.03
N ILE A 456 1.12 21.06 5.67
CA ILE A 456 0.99 20.53 4.31
C ILE A 456 -0.51 20.39 3.96
N LEU A 457 -1.31 19.82 4.89
CA LEU A 457 -2.75 19.68 4.72
C LEU A 457 -3.44 21.05 4.60
N ASP A 458 -3.03 22.03 5.45
CA ASP A 458 -3.57 23.40 5.45
C ASP A 458 -3.25 24.10 4.13
N PHE A 459 -2.04 23.86 3.58
CA PHE A 459 -1.61 24.39 2.30
C PHE A 459 -2.51 23.87 1.17
N CYS A 460 -2.81 22.55 1.17
CA CYS A 460 -3.67 21.90 0.18
C CYS A 460 -5.11 22.48 0.26
N ALA A 461 -5.65 22.62 1.49
CA ALA A 461 -7.00 23.16 1.73
C ALA A 461 -7.12 24.65 1.33
N GLY A 462 -6.15 25.46 1.76
CA GLY A 462 -6.11 26.90 1.54
C GLY A 462 -5.94 27.32 0.09
N THR A 463 -5.33 26.46 -0.76
CA THR A 463 -5.13 26.75 -2.18
C THR A 463 -6.05 25.92 -3.10
N GLY A 464 -6.98 25.17 -2.50
CA GLY A 464 -7.98 24.37 -3.22
C GLY A 464 -7.41 23.21 -4.01
N ILE A 465 -6.34 22.57 -3.52
CA ILE A 465 -5.77 21.41 -4.21
C ILE A 465 -6.67 20.23 -3.88
N GLY A 466 -7.23 19.60 -4.90
CA GLY A 466 -8.11 18.44 -4.74
C GLY A 466 -7.36 17.16 -4.37
N ALA A 467 -6.45 17.24 -3.39
CA ALA A 467 -5.68 16.09 -2.93
C ALA A 467 -6.57 15.15 -2.10
N LYS A 468 -6.19 13.87 -2.09
CA LYS A 468 -6.87 12.84 -1.31
C LYS A 468 -5.79 12.08 -0.54
N GLN A 469 -6.01 11.81 0.75
CA GLN A 469 -4.99 11.03 1.47
C GLN A 469 -5.03 9.56 1.05
N TYR A 470 -3.84 8.95 0.90
CA TYR A 470 -3.73 7.50 0.73
C TYR A 470 -3.45 6.99 2.17
N LEU A 471 -4.04 5.84 2.58
CA LEU A 471 -3.97 5.32 3.98
C LEU A 471 -4.57 6.43 4.89
N PRO A 472 -5.81 6.87 4.59
CA PRO A 472 -6.34 8.06 5.28
C PRO A 472 -6.38 7.95 6.80
N GLY A 473 -5.90 9.02 7.42
CA GLY A 473 -5.79 9.16 8.87
C GLY A 473 -6.92 9.97 9.50
N HIS A 474 -8.01 10.22 8.75
CA HIS A 474 -9.18 10.96 9.27
C HIS A 474 -9.83 10.20 10.45
N LYS A 475 -10.58 10.92 11.29
CA LYS A 475 -11.31 10.28 12.40
C LYS A 475 -12.70 10.90 12.62
N ALA A 476 -12.96 12.10 12.01
CA ALA A 476 -14.24 12.82 12.12
C ALA A 476 -15.14 12.50 10.93
N ARG A 477 -16.47 12.39 11.17
CA ARG A 477 -17.49 12.05 10.19
C ARG A 477 -17.54 12.97 8.97
N HIS A 478 -17.49 14.30 9.16
CA HIS A 478 -17.50 15.24 8.02
C HIS A 478 -16.21 15.16 7.19
N GLU A 479 -15.08 14.82 7.85
CA GLU A 479 -13.77 14.65 7.17
C GLU A 479 -13.82 13.40 6.28
N TRP A 480 -14.49 12.31 6.73
CA TRP A 480 -14.66 11.08 5.93
C TRP A 480 -15.62 11.35 4.78
N ALA A 481 -16.68 12.15 5.03
CA ALA A 481 -17.68 12.52 4.02
C ALA A 481 -17.01 13.31 2.89
N GLU A 482 -16.17 14.29 3.24
CA GLU A 482 -15.39 15.12 2.31
C GLU A 482 -14.37 14.24 1.55
N HIS A 483 -13.72 13.28 2.24
CA HIS A 483 -12.75 12.35 1.63
C HIS A 483 -13.39 11.55 0.50
N PHE A 484 -14.53 10.87 0.78
CA PHE A 484 -15.22 10.04 -0.20
C PHE A 484 -16.00 10.85 -1.24
N GLY A 485 -16.69 11.89 -0.80
CA GLY A 485 -17.62 12.64 -1.63
C GLY A 485 -18.96 11.97 -1.45
N ALA A 486 -20.06 12.67 -1.74
CA ALA A 486 -21.43 12.15 -1.54
C ALA A 486 -21.75 10.78 -2.17
N ALA A 487 -21.47 10.60 -3.47
CA ALA A 487 -21.74 9.33 -4.17
C ALA A 487 -20.94 8.14 -3.57
N ARG A 488 -19.63 8.29 -3.37
CA ARG A 488 -18.80 7.23 -2.82
C ARG A 488 -19.10 6.95 -1.35
N TRP A 489 -19.45 8.00 -0.58
CA TRP A 489 -19.81 7.85 0.83
C TRP A 489 -21.08 7.03 0.97
N ASP A 490 -22.09 7.33 0.13
CA ASP A 490 -23.36 6.62 0.11
C ASP A 490 -23.15 5.12 -0.19
N ARG A 491 -22.31 4.80 -1.19
CA ARG A 491 -21.96 3.40 -1.53
C ARG A 491 -21.23 2.71 -0.35
N PHE A 492 -20.25 3.40 0.27
CA PHE A 492 -19.46 2.93 1.41
C PHE A 492 -20.34 2.58 2.64
N ALA A 493 -21.26 3.50 3.01
CA ALA A 493 -22.19 3.32 4.13
C ALA A 493 -23.18 2.16 3.89
N ARG A 494 -23.66 2.02 2.63
CA ARG A 494 -24.59 0.95 2.25
C ARG A 494 -23.90 -0.41 2.34
N LEU A 495 -22.62 -0.48 1.94
CA LEU A 495 -21.86 -1.72 2.05
C LEU A 495 -21.64 -2.07 3.53
N LYS A 496 -21.42 -1.05 4.38
CA LYS A 496 -21.24 -1.27 5.82
C LYS A 496 -22.52 -1.84 6.45
N ALA A 497 -23.72 -1.31 6.07
CA ALA A 497 -25.01 -1.80 6.57
C ALA A 497 -25.24 -3.28 6.19
N GLU A 498 -24.78 -3.68 4.99
CA GLU A 498 -24.92 -5.03 4.47
C GLU A 498 -23.93 -6.00 5.11
N PHE A 499 -22.62 -5.64 5.09
CA PHE A 499 -21.53 -6.52 5.50
C PHE A 499 -20.99 -6.46 6.92
N ASP A 500 -21.09 -5.29 7.61
CA ASP A 500 -20.66 -5.15 9.01
C ASP A 500 -21.64 -4.19 9.75
N PRO A 501 -22.94 -4.58 9.90
CA PRO A 501 -23.91 -3.66 10.54
C PRO A 501 -23.61 -3.23 11.97
N ARG A 502 -22.90 -4.05 12.73
CA ARG A 502 -22.54 -3.77 14.12
C ARG A 502 -21.20 -2.99 14.26
N ALA A 503 -20.52 -2.71 13.11
CA ALA A 503 -19.24 -1.99 13.02
C ALA A 503 -18.13 -2.65 13.86
N ILE A 504 -18.12 -3.99 13.85
CA ILE A 504 -17.15 -4.86 14.55
C ILE A 504 -15.72 -4.70 13.95
N LEU A 505 -15.64 -4.68 12.62
CA LEU A 505 -14.39 -4.75 11.88
C LEU A 505 -13.63 -3.49 11.64
N ALA A 506 -12.29 -3.59 11.85
CA ALA A 506 -11.33 -2.51 11.61
C ALA A 506 -11.84 -1.14 12.13
N ALA A 507 -12.30 -1.13 13.39
CA ALA A 507 -12.83 0.07 14.05
C ALA A 507 -11.73 1.10 14.37
N GLY A 508 -10.46 0.65 14.31
CA GLY A 508 -9.31 1.53 14.48
C GLY A 508 -9.19 2.55 13.35
N GLN A 509 -9.86 2.29 12.20
CA GLN A 509 -9.91 3.22 11.06
C GLN A 509 -10.73 4.49 11.46
N GLY A 510 -11.58 4.36 12.48
CA GLY A 510 -12.42 5.43 13.01
C GLY A 510 -13.44 6.01 12.05
N ILE A 511 -14.07 5.14 11.23
CA ILE A 511 -15.08 5.59 10.24
C ILE A 511 -16.50 5.43 10.82
N PHE A 512 -16.81 4.24 11.34
CA PHE A 512 -18.13 3.90 11.90
C PHE A 512 -18.10 3.54 13.39
N ARG A 513 -19.24 3.64 14.05
CA ARG A 513 -19.46 3.28 15.45
C ARG A 513 -20.65 2.28 15.57
N PRO A 514 -20.73 1.41 16.63
CA PRO A 514 -21.83 0.42 16.69
C PRO A 514 -23.26 0.94 16.58
#